data_8WTQ
#
_entry.id   8WTQ
#
_cell.length_a   87.382
_cell.length_b   60.017
_cell.length_c   86.049
_cell.angle_alpha   90.00
_cell.angle_beta   117.07
_cell.angle_gamma   90.00
#
_symmetry.space_group_name_H-M   'C 1 2 1'
#
loop_
_entity.id
_entity.type
_entity.pdbx_description
1 polymer 'Squalene synthase'
2 non-polymer 'PHOSPHATE ION'
3 non-polymer '2-[1-[[(10~{S})-13-chloranyl-2-(2,2-dimethylpropyl)-10-(2-methoxyphenyl)-3-oxidanylidene-9-oxa-2,5-diazabicyclo[9.4.0]pentadeca-1(15),11,13-trien-5-yl]carbonyl]piperidin-4-yl]ethanoic acid'
4 water water
#
_entity_poly.entity_id   1
_entity_poly.type   'polypeptide(L)'
_entity_poly.pdbx_seq_one_letter_code
;MDQDSLSSSLKTCYKYLNQTSRSFAAVIQALDGEMRNAVCIFYLVLRALDTLEDDMTISVEKKVPLLHNFHSFLYQPDWR
FMESKEKDRQVLEDFPTISLEFRNLAEKYQTVIADICRRMGIGMAEFLDKHVTSEQEWDKYCHYVAGLVGIGLSRLFSAS
EFEDPLVGEDTERANSMGLFLQKTNIIRDYLEDQQGGREFWPQEVWSRYVKKLGDFAKPENIDLAVQCLNELITNALHHI
PDVITYLSRLRNQSVFNFCAIPQVMAIATLAACYNNQQVFKGAVKIRKGQAVTLMMDATNMPAVKAIIYQYMEEIYHRIP
DSDPSSSKTRQIISTIRTQN
;
_entity_poly.pdbx_strand_id   A
#
# COMPACT_ATOMS: atom_id res chain seq x y z
N LEU A 6 -6.58 21.92 20.11
CA LEU A 6 -6.60 21.68 18.63
C LEU A 6 -7.54 22.66 17.93
N SER A 7 -7.07 23.30 16.86
CA SER A 7 -7.93 24.13 16.02
C SER A 7 -9.15 23.31 15.59
N SER A 8 -10.18 23.97 15.09
CA SER A 8 -11.33 23.21 14.61
C SER A 8 -10.98 22.51 13.30
N SER A 9 -10.11 23.13 12.48
CA SER A 9 -9.77 22.50 11.21
C SER A 9 -8.93 21.23 11.45
N LEU A 10 -8.04 21.23 12.44
CA LEU A 10 -7.31 20.00 12.73
C LEU A 10 -8.25 18.92 13.27
N LYS A 11 -9.25 19.30 14.07
CA LYS A 11 -10.20 18.33 14.58
C LYS A 11 -10.97 17.65 13.43
N THR A 12 -11.37 18.44 12.44
CA THR A 12 -12.03 17.91 11.26
C THR A 12 -11.12 16.92 10.51
N CYS A 13 -9.83 17.29 10.36
CA CYS A 13 -8.82 16.38 9.82
C CYS A 13 -8.82 15.04 10.55
N TYR A 14 -8.75 15.05 11.90
CA TYR A 14 -8.75 13.79 12.65
C TYR A 14 -10.07 13.03 12.48
N LYS A 15 -11.17 13.75 12.32
CA LYS A 15 -12.41 13.03 12.06
C LYS A 15 -12.32 12.32 10.71
N TYR A 16 -11.82 13.02 9.68
CA TYR A 16 -11.65 12.37 8.37
C TYR A 16 -10.67 11.18 8.49
N LEU A 17 -9.67 11.31 9.34
CA LEU A 17 -8.71 10.21 9.41
C LEU A 17 -9.41 8.95 9.98
N ASN A 18 -10.28 9.17 10.97
CA ASN A 18 -11.01 8.08 11.59
C ASN A 18 -12.01 7.45 10.61
N GLN A 19 -12.65 8.31 9.80
CA GLN A 19 -13.56 7.81 8.78
C GLN A 19 -12.83 6.97 7.74
N THR A 20 -11.57 7.34 7.43
CA THR A 20 -10.92 6.72 6.28
C THR A 20 -10.05 5.56 6.70
N SER A 21 -9.32 5.67 7.82
CA SER A 21 -8.37 4.63 8.18
C SER A 21 -8.89 3.74 9.31
N ARG A 22 -10.05 4.10 9.88
CA ARG A 22 -10.81 3.20 10.76
C ARG A 22 -9.97 2.72 11.94
N SER A 23 -9.75 1.39 12.03
CA SER A 23 -9.07 0.85 13.21
C SER A 23 -7.59 1.26 13.22
N PHE A 24 -7.07 1.72 12.07
CA PHE A 24 -5.68 2.13 11.98
C PHE A 24 -5.49 3.57 12.43
N ALA A 25 -6.57 4.36 12.57
CA ALA A 25 -6.42 5.76 12.99
C ALA A 25 -5.68 5.88 14.33
N ALA A 26 -5.96 4.95 15.26
CA ALA A 26 -5.37 4.96 16.60
C ALA A 26 -3.84 4.81 16.52
N VAL A 27 -3.36 4.07 15.52
CA VAL A 27 -1.94 3.81 15.40
C VAL A 27 -1.24 5.09 14.94
N ILE A 28 -1.88 5.81 14.00
CA ILE A 28 -1.38 7.09 13.54
C ILE A 28 -1.42 8.09 14.71
N GLN A 29 -2.50 8.05 15.48
CA GLN A 29 -2.72 8.99 16.58
C GLN A 29 -1.68 8.76 17.68
N ALA A 30 -1.05 7.58 17.72
CA ALA A 30 -0.02 7.29 18.71
C ALA A 30 1.38 7.76 18.28
N LEU A 31 1.59 8.19 17.03
CA LEU A 31 2.91 8.67 16.63
C LEU A 31 3.38 9.83 17.53
N ASP A 32 4.68 9.80 17.89
CA ASP A 32 5.29 10.79 18.78
C ASP A 32 5.34 12.17 18.13
N GLY A 33 5.17 13.20 18.96
CA GLY A 33 5.59 14.56 18.60
C GLY A 33 4.96 15.03 17.27
N GLU A 34 5.77 15.71 16.46
CA GLU A 34 5.28 16.33 15.24
C GLU A 34 4.93 15.29 14.17
N MET A 35 5.33 14.02 14.39
CA MET A 35 5.07 13.00 13.39
C MET A 35 3.58 12.76 13.24
N ARG A 36 2.85 12.92 14.35
CA ARG A 36 1.41 12.65 14.38
C ARG A 36 0.66 13.46 13.33
N ASN A 37 0.74 14.79 13.40
CA ASN A 37 -0.02 15.66 12.50
C ASN A 37 0.52 15.53 11.07
N ALA A 38 1.83 15.41 10.95
CA ALA A 38 2.45 15.30 9.63
C ALA A 38 2.00 14.03 8.93
N VAL A 39 1.84 12.92 9.65
CA VAL A 39 1.35 11.71 8.99
C VAL A 39 -0.16 11.80 8.72
N CYS A 40 -0.89 12.32 9.71
CA CYS A 40 -2.34 12.45 9.53
C CYS A 40 -2.65 13.25 8.25
N ILE A 41 -1.97 14.38 8.06
CA ILE A 41 -2.23 15.20 6.89
C ILE A 41 -1.77 14.48 5.63
N PHE A 42 -0.60 13.84 5.68
CA PHE A 42 -0.12 13.16 4.49
C PHE A 42 -1.12 12.08 4.08
N TYR A 43 -1.60 11.33 5.06
CA TYR A 43 -2.62 10.30 4.83
C TYR A 43 -3.82 10.89 4.09
N LEU A 44 -4.38 12.02 4.58
CA LEU A 44 -5.60 12.60 4.00
C LEU A 44 -5.32 13.13 2.61
N VAL A 45 -4.15 13.75 2.45
CA VAL A 45 -3.82 14.29 1.13
C VAL A 45 -3.69 13.15 0.11
N LEU A 46 -3.10 12.02 0.51
CA LEU A 46 -2.99 10.86 -0.38
C LEU A 46 -4.37 10.27 -0.66
N ARG A 47 -5.26 10.33 0.34
CA ARG A 47 -6.61 9.83 0.15
C ARG A 47 -7.32 10.66 -0.93
N ALA A 48 -7.15 12.00 -0.90
CA ALA A 48 -7.69 12.88 -1.93
C ALA A 48 -7.07 12.57 -3.29
N LEU A 49 -5.73 12.41 -3.35
CA LEU A 49 -5.11 12.13 -4.65
C LEU A 49 -5.67 10.82 -5.20
N ASP A 50 -5.76 9.81 -4.33
CA ASP A 50 -6.22 8.48 -4.74
C ASP A 50 -7.66 8.54 -5.28
N THR A 51 -8.48 9.38 -4.64
CA THR A 51 -9.90 9.48 -4.96
C THR A 51 -10.05 10.11 -6.35
N LEU A 52 -9.21 11.08 -6.66
CA LEU A 52 -9.16 11.58 -8.02
C LEU A 52 -8.71 10.48 -8.99
N GLU A 53 -7.57 9.84 -8.71
CA GLU A 53 -7.08 8.77 -9.57
C GLU A 53 -8.19 7.73 -9.83
N ASP A 54 -8.85 7.28 -8.76
CA ASP A 54 -9.76 6.15 -8.84
C ASP A 54 -11.05 6.48 -9.62
N ASP A 55 -11.40 7.75 -9.72
CA ASP A 55 -12.76 8.08 -10.10
C ASP A 55 -12.97 7.94 -11.63
N MET A 56 -13.67 6.89 -12.05
CA MET A 56 -13.87 6.66 -13.49
C MET A 56 -14.86 7.65 -14.10
N THR A 57 -15.58 8.42 -13.27
CA THR A 57 -16.46 9.45 -13.83
C THR A 57 -15.66 10.68 -14.23
N ILE A 58 -14.37 10.75 -13.89
CA ILE A 58 -13.60 11.93 -14.28
C ILE A 58 -12.88 11.62 -15.59
N SER A 59 -13.05 12.49 -16.60
CA SER A 59 -12.50 12.19 -17.92
C SER A 59 -10.98 12.32 -17.86
N VAL A 60 -10.32 11.63 -18.80
CA VAL A 60 -8.87 11.64 -18.86
C VAL A 60 -8.41 13.08 -19.10
N GLU A 61 -9.11 13.79 -19.99
CA GLU A 61 -8.79 15.19 -20.25
C GLU A 61 -8.78 15.99 -18.95
N LYS A 62 -9.69 15.71 -18.04
CA LYS A 62 -9.71 16.50 -16.81
C LYS A 62 -8.76 15.94 -15.76
N LYS A 63 -8.59 14.62 -15.78
CA LYS A 63 -7.85 13.92 -14.73
C LYS A 63 -6.34 14.20 -14.82
N VAL A 64 -5.82 14.34 -16.05
CA VAL A 64 -4.39 14.47 -16.22
C VAL A 64 -3.93 15.76 -15.56
N PRO A 65 -4.55 16.92 -15.85
CA PRO A 65 -4.21 18.16 -15.14
C PRO A 65 -4.39 18.05 -13.63
N LEU A 66 -5.47 17.42 -13.18
CA LEU A 66 -5.69 17.29 -11.76
C LEU A 66 -4.52 16.56 -11.10
N LEU A 67 -4.10 15.43 -11.68
CA LEU A 67 -3.01 14.62 -11.12
C LEU A 67 -1.69 15.41 -11.18
N HIS A 68 -1.40 16.04 -12.34
CA HIS A 68 -0.15 16.75 -12.50
C HIS A 68 -0.07 17.91 -11.50
N ASN A 69 -1.20 18.58 -11.27
CA ASN A 69 -1.17 19.85 -10.56
C ASN A 69 -1.52 19.65 -9.09
N PHE A 70 -1.83 18.42 -8.66
CA PHE A 70 -2.31 18.21 -7.31
C PHE A 70 -1.34 18.82 -6.28
N HIS A 71 -0.04 18.62 -6.48
CA HIS A 71 0.95 19.13 -5.52
C HIS A 71 0.76 20.65 -5.35
N SER A 72 0.33 21.32 -6.43
CA SER A 72 0.18 22.77 -6.37
C SER A 72 -1.05 23.16 -5.53
N PHE A 73 -2.11 22.33 -5.57
CA PHE A 73 -3.36 22.62 -4.87
C PHE A 73 -3.15 22.76 -3.36
N LEU A 74 -2.17 22.03 -2.84
CA LEU A 74 -1.81 22.10 -1.42
C LEU A 74 -1.58 23.55 -0.98
N TYR A 75 -1.14 24.42 -1.91
CA TYR A 75 -0.71 25.78 -1.63
C TYR A 75 -1.82 26.81 -1.95
N GLN A 76 -2.98 26.32 -2.42
CA GLN A 76 -4.07 27.14 -2.94
C GLN A 76 -5.22 27.09 -1.95
N PRO A 77 -5.35 28.09 -1.05
CA PRO A 77 -6.29 27.97 0.07
C PRO A 77 -7.71 27.62 -0.35
N ASP A 78 -8.12 28.04 -1.55
CA ASP A 78 -9.53 27.88 -1.89
C ASP A 78 -9.75 26.63 -2.75
N TRP A 79 -8.68 25.91 -3.10
CA TRP A 79 -8.87 24.83 -4.07
C TRP A 79 -9.72 23.73 -3.45
N ARG A 80 -10.74 23.25 -4.19
CA ARG A 80 -11.54 22.11 -3.79
C ARG A 80 -12.02 21.41 -5.06
N PHE A 81 -12.56 20.20 -4.93
CA PHE A 81 -13.14 19.50 -6.07
C PHE A 81 -14.50 18.92 -5.65
N MET A 82 -15.54 19.29 -6.41
CA MET A 82 -16.91 19.07 -5.99
C MET A 82 -17.60 17.96 -6.81
N GLU A 83 -16.95 17.38 -7.82
CA GLU A 83 -17.71 16.46 -8.64
C GLU A 83 -17.26 15.01 -8.50
N SER A 84 -16.61 14.65 -7.39
CA SER A 84 -16.23 13.26 -7.23
C SER A 84 -17.45 12.41 -6.87
N LYS A 85 -17.55 11.23 -7.49
CA LYS A 85 -18.66 10.34 -7.12
C LYS A 85 -18.14 9.20 -6.24
N GLU A 86 -16.92 9.33 -5.70
CA GLU A 86 -16.28 8.29 -4.90
C GLU A 86 -16.68 8.33 -3.42
N LYS A 87 -16.37 7.24 -2.71
CA LYS A 87 -16.71 7.03 -1.30
C LYS A 87 -16.08 8.12 -0.41
N ASP A 88 -14.81 8.50 -0.61
CA ASP A 88 -14.20 9.48 0.29
C ASP A 88 -14.20 10.90 -0.30
N ARG A 89 -15.24 11.22 -1.10
CA ARG A 89 -15.33 12.50 -1.77
C ARG A 89 -15.22 13.68 -0.79
N GLN A 90 -15.51 13.46 0.50
CA GLN A 90 -15.48 14.54 1.48
C GLN A 90 -14.10 15.19 1.57
N VAL A 91 -13.04 14.38 1.41
CA VAL A 91 -11.72 14.96 1.57
C VAL A 91 -11.41 15.88 0.39
N LEU A 92 -12.09 15.67 -0.75
CA LEU A 92 -11.93 16.59 -1.88
C LEU A 92 -12.88 17.79 -1.77
N GLU A 93 -14.10 17.58 -1.31
CA GLU A 93 -15.01 18.72 -1.21
C GLU A 93 -14.54 19.70 -0.14
N ASP A 94 -13.94 19.19 0.95
CA ASP A 94 -13.43 20.01 2.03
C ASP A 94 -11.90 20.03 1.99
N PHE A 95 -11.30 19.95 0.80
CA PHE A 95 -9.85 20.01 0.71
C PHE A 95 -9.28 21.25 1.37
N PRO A 96 -9.96 22.43 1.34
CA PRO A 96 -9.40 23.64 1.96
C PRO A 96 -9.07 23.42 3.44
N THR A 97 -9.87 22.62 4.14
CA THR A 97 -9.60 22.33 5.54
C THR A 97 -8.28 21.53 5.71
N ILE A 98 -8.05 20.58 4.78
CA ILE A 98 -6.88 19.71 4.86
C ILE A 98 -5.66 20.52 4.43
N SER A 99 -5.80 21.31 3.36
CA SER A 99 -4.66 22.05 2.86
C SER A 99 -4.24 23.14 3.87
N LEU A 100 -5.20 23.70 4.59
CA LEU A 100 -4.85 24.69 5.62
C LEU A 100 -3.95 24.00 6.63
N GLU A 101 -4.31 22.76 7.01
CA GLU A 101 -3.52 22.12 8.05
C GLU A 101 -2.16 21.69 7.50
N PHE A 102 -2.10 21.31 6.20
CA PHE A 102 -0.83 21.08 5.50
C PHE A 102 0.07 22.31 5.68
N ARG A 103 -0.49 23.48 5.41
CA ARG A 103 0.33 24.69 5.40
C ARG A 103 0.71 25.14 6.83
N ASN A 104 0.07 24.54 7.85
CA ASN A 104 0.46 24.75 9.23
C ASN A 104 1.61 23.84 9.69
N LEU A 105 1.96 22.84 8.87
CA LEU A 105 3.04 21.93 9.27
C LEU A 105 4.36 22.71 9.16
N ALA A 106 5.39 22.26 9.88
CA ALA A 106 6.73 22.73 9.60
C ALA A 106 7.02 22.53 8.12
N GLU A 107 7.83 23.44 7.60
CA GLU A 107 8.14 23.44 6.18
C GLU A 107 8.88 22.16 5.78
N LYS A 108 9.68 21.56 6.69
CA LYS A 108 10.42 20.36 6.33
C LYS A 108 9.45 19.20 6.06
N TYR A 109 8.22 19.26 6.60
CA TYR A 109 7.27 18.20 6.32
C TYR A 109 6.44 18.56 5.09
N GLN A 110 6.08 19.85 4.99
CA GLN A 110 5.36 20.30 3.81
C GLN A 110 6.11 19.86 2.55
N THR A 111 7.42 20.16 2.51
CA THR A 111 8.19 19.96 1.28
C THR A 111 8.27 18.48 0.90
N VAL A 112 8.34 17.61 1.92
CA VAL A 112 8.33 16.17 1.64
C VAL A 112 7.00 15.80 0.94
N ILE A 113 5.89 16.22 1.54
CA ILE A 113 4.56 15.82 1.09
C ILE A 113 4.34 16.33 -0.34
N ALA A 114 4.72 17.58 -0.59
CA ALA A 114 4.48 18.20 -1.89
C ALA A 114 5.30 17.53 -3.01
N ASP A 115 6.59 17.24 -2.74
CA ASP A 115 7.45 16.54 -3.71
C ASP A 115 6.86 15.15 -4.05
N ILE A 116 6.51 14.39 -3.03
CA ILE A 116 5.86 13.08 -3.25
C ILE A 116 4.59 13.18 -4.09
N CYS A 117 3.69 14.11 -3.72
CA CYS A 117 2.47 14.30 -4.52
C CYS A 117 2.82 14.66 -5.95
N ARG A 118 3.85 15.49 -6.16
CA ARG A 118 4.18 15.84 -7.53
C ARG A 118 4.59 14.58 -8.30
N ARG A 119 5.43 13.74 -7.68
CA ARG A 119 6.01 12.62 -8.42
C ARG A 119 4.92 11.55 -8.63
N MET A 120 4.08 11.34 -7.62
CA MET A 120 3.02 10.35 -7.72
C MET A 120 2.02 10.76 -8.80
N GLY A 121 1.68 12.06 -8.85
CA GLY A 121 0.73 12.49 -9.88
C GLY A 121 1.21 12.28 -11.31
N ILE A 122 2.49 12.55 -11.53
CA ILE A 122 3.09 12.32 -12.84
C ILE A 122 2.94 10.84 -13.20
N GLY A 123 3.25 9.94 -12.26
CA GLY A 123 3.22 8.51 -12.57
C GLY A 123 1.79 7.99 -12.70
N MET A 124 0.86 8.50 -11.88
CA MET A 124 -0.52 8.03 -12.02
C MET A 124 -1.05 8.44 -13.40
N ALA A 125 -0.71 9.66 -13.85
CA ALA A 125 -1.18 10.13 -15.16
C ALA A 125 -0.62 9.28 -16.30
N GLU A 126 0.63 8.82 -16.19
CA GLU A 126 1.22 7.91 -17.18
C GLU A 126 0.46 6.59 -17.31
N PHE A 127 -0.18 6.07 -16.23
CA PHE A 127 -0.89 4.79 -16.33
C PHE A 127 -2.40 4.91 -16.59
N LEU A 128 -2.93 6.12 -16.79
CA LEU A 128 -4.35 6.23 -17.11
C LEU A 128 -4.70 5.40 -18.34
N ASP A 129 -3.89 5.48 -19.39
CA ASP A 129 -4.36 4.79 -20.58
C ASP A 129 -4.14 3.29 -20.49
N LYS A 130 -3.01 2.85 -19.88
CA LYS A 130 -2.46 1.51 -20.04
C LYS A 130 -2.78 0.57 -18.86
N HIS A 131 -2.79 -0.74 -19.13
CA HIS A 131 -2.81 -1.77 -18.11
C HIS A 131 -1.37 -2.22 -17.89
N VAL A 132 -1.06 -2.80 -16.72
CA VAL A 132 0.29 -3.22 -16.41
C VAL A 132 0.60 -4.44 -17.29
N THR A 133 1.75 -4.42 -17.99
CA THR A 133 2.15 -5.52 -18.85
C THR A 133 3.17 -6.38 -18.13
N SER A 134 4.43 -5.92 -18.06
CA SER A 134 5.48 -6.74 -17.46
C SER A 134 5.50 -6.63 -15.93
N GLU A 135 6.24 -7.57 -15.32
CA GLU A 135 6.57 -7.49 -13.91
C GLU A 135 7.34 -6.20 -13.61
N GLN A 136 8.17 -5.73 -14.56
CA GLN A 136 8.90 -4.49 -14.30
C GLN A 136 7.89 -3.32 -14.30
N GLU A 137 6.91 -3.36 -15.19
CA GLU A 137 5.89 -2.31 -15.26
C GLU A 137 5.03 -2.35 -13.99
N TRP A 138 4.78 -3.56 -13.48
CA TRP A 138 4.02 -3.69 -12.24
C TRP A 138 4.79 -2.98 -11.12
N ASP A 139 6.12 -3.14 -11.08
CA ASP A 139 6.84 -2.47 -10.02
C ASP A 139 6.86 -0.95 -10.22
N LYS A 140 6.89 -0.50 -11.47
CA LYS A 140 6.80 0.93 -11.77
C LYS A 140 5.44 1.51 -11.34
N TYR A 141 4.34 0.88 -11.78
CA TYR A 141 3.02 1.29 -11.30
C TYR A 141 2.94 1.31 -9.75
N CYS A 142 3.40 0.25 -9.08
CA CYS A 142 3.40 0.16 -7.63
C CYS A 142 4.27 1.27 -6.99
N HIS A 143 5.40 1.65 -7.62
CA HIS A 143 6.26 2.70 -7.11
C HIS A 143 5.44 4.00 -7.03
N TYR A 144 4.67 4.24 -8.09
CA TYR A 144 3.99 5.51 -8.24
C TYR A 144 2.88 5.61 -7.21
N VAL A 145 2.17 4.49 -6.89
CA VAL A 145 0.95 4.60 -6.08
C VAL A 145 1.21 4.18 -4.62
N ALA A 146 2.37 3.55 -4.36
CA ALA A 146 2.56 2.95 -3.05
C ALA A 146 4.02 3.08 -2.58
N GLY A 147 4.97 2.69 -3.43
CA GLY A 147 6.39 2.82 -3.07
C GLY A 147 6.73 4.26 -2.67
N LEU A 148 6.18 5.25 -3.40
CA LEU A 148 6.46 6.64 -3.05
C LEU A 148 5.83 7.05 -1.70
N VAL A 149 4.76 6.36 -1.30
CA VAL A 149 4.18 6.60 0.02
C VAL A 149 5.15 6.12 1.09
N GLY A 150 5.74 4.94 0.89
CA GLY A 150 6.71 4.47 1.86
C GLY A 150 7.89 5.44 1.94
N ILE A 151 8.32 5.96 0.78
CA ILE A 151 9.44 6.87 0.71
C ILE A 151 9.08 8.17 1.43
N GLY A 152 7.89 8.73 1.15
CA GLY A 152 7.53 9.96 1.84
C GLY A 152 7.50 9.80 3.37
N LEU A 153 6.85 8.72 3.85
CA LEU A 153 6.73 8.51 5.27
C LEU A 153 8.12 8.45 5.89
N SER A 154 9.03 7.73 5.19
CA SER A 154 10.38 7.53 5.68
C SER A 154 11.06 8.89 5.90
N ARG A 155 10.83 9.78 4.93
CA ARG A 155 11.38 11.13 4.99
C ARG A 155 10.78 11.96 6.12
N LEU A 156 9.48 11.82 6.41
CA LEU A 156 8.96 12.48 7.60
C LEU A 156 9.67 11.96 8.87
N PHE A 157 9.90 10.64 8.95
CA PHE A 157 10.50 10.11 10.19
C PHE A 157 11.91 10.70 10.38
N SER A 158 12.73 10.73 9.32
CA SER A 158 14.08 11.27 9.43
C SER A 158 13.99 12.79 9.64
N ALA A 159 13.10 13.49 8.95
CA ALA A 159 13.10 14.94 9.05
C ALA A 159 12.70 15.39 10.47
N SER A 160 11.86 14.60 11.15
CA SER A 160 11.37 14.87 12.49
C SER A 160 12.49 14.53 13.51
N GLU A 161 13.52 13.86 13.04
CA GLU A 161 14.69 13.43 13.80
C GLU A 161 14.35 12.30 14.78
N PHE A 162 13.15 11.70 14.67
CA PHE A 162 12.88 10.55 15.52
C PHE A 162 13.59 9.28 15.04
N GLU A 163 13.94 9.26 13.74
CA GLU A 163 14.71 8.17 13.17
C GLU A 163 15.96 8.69 12.47
N ASP A 164 16.97 7.83 12.32
CA ASP A 164 18.25 8.17 11.71
C ASP A 164 18.03 8.60 10.24
N PRO A 165 18.85 9.52 9.68
CA PRO A 165 18.73 9.89 8.27
C PRO A 165 18.68 8.73 7.29
N LEU A 166 19.32 7.57 7.57
CA LEU A 166 19.29 6.47 6.60
C LEU A 166 17.86 6.04 6.29
N VAL A 167 16.98 6.11 7.29
CA VAL A 167 15.61 5.68 7.07
C VAL A 167 15.00 6.49 5.92
N GLY A 168 15.11 7.82 5.99
CA GLY A 168 14.64 8.65 4.90
C GLY A 168 15.44 8.51 3.60
N GLU A 169 16.74 8.19 3.66
CA GLU A 169 17.47 8.19 2.38
C GLU A 169 17.39 6.87 1.59
N ASP A 170 17.22 5.71 2.26
CA ASP A 170 17.26 4.45 1.54
C ASP A 170 15.92 4.24 0.84
N THR A 171 15.79 4.80 -0.37
CA THR A 171 14.52 4.81 -1.08
C THR A 171 14.09 3.40 -1.50
N GLU A 172 15.06 2.48 -1.65
CA GLU A 172 14.73 1.15 -2.17
C GLU A 172 14.01 0.35 -1.08
N ARG A 173 14.54 0.38 0.14
CA ARG A 173 13.91 -0.33 1.25
C ARG A 173 12.54 0.26 1.55
N ALA A 174 12.44 1.59 1.55
CA ALA A 174 11.17 2.27 1.73
C ALA A 174 10.17 1.91 0.61
N ASN A 175 10.65 1.90 -0.62
CA ASN A 175 9.82 1.54 -1.77
C ASN A 175 9.28 0.13 -1.57
N SER A 176 10.16 -0.81 -1.14
CA SER A 176 9.71 -2.19 -0.90
C SER A 176 8.58 -2.30 0.13
N MET A 177 8.62 -1.43 1.16
CA MET A 177 7.55 -1.41 2.17
C MET A 177 6.18 -1.16 1.52
N GLY A 178 6.15 -0.18 0.60
CA GLY A 178 4.94 0.13 -0.14
C GLY A 178 4.52 -0.96 -1.13
N LEU A 179 5.50 -1.51 -1.88
CA LEU A 179 5.22 -2.51 -2.89
C LEU A 179 4.64 -3.78 -2.22
N PHE A 180 5.20 -4.16 -1.07
CA PHE A 180 4.70 -5.34 -0.36
C PHE A 180 3.21 -5.20 -0.09
N LEU A 181 2.79 -4.07 0.49
CA LEU A 181 1.38 -3.89 0.80
C LEU A 181 0.54 -3.82 -0.49
N GLN A 182 1.03 -3.07 -1.48
CA GLN A 182 0.25 -2.81 -2.67
C GLN A 182 0.02 -4.11 -3.45
N LYS A 183 1.07 -4.93 -3.62
CA LYS A 183 0.95 -6.17 -4.38
C LYS A 183 0.01 -7.13 -3.63
N THR A 184 0.09 -7.12 -2.30
CA THR A 184 -0.77 -7.98 -1.49
C THR A 184 -2.22 -7.60 -1.72
N ASN A 185 -2.51 -6.27 -1.68
CA ASN A 185 -3.85 -5.78 -1.90
C ASN A 185 -4.33 -6.16 -3.31
N ILE A 186 -3.47 -5.94 -4.32
CA ILE A 186 -3.89 -6.24 -5.68
C ILE A 186 -4.15 -7.74 -5.85
N ILE A 187 -3.30 -8.56 -5.24
CA ILE A 187 -3.47 -10.01 -5.33
C ILE A 187 -4.82 -10.37 -4.71
N ARG A 188 -5.06 -9.89 -3.49
CA ARG A 188 -6.26 -10.28 -2.75
C ARG A 188 -7.55 -9.76 -3.40
N ASP A 189 -7.49 -8.57 -4.02
CA ASP A 189 -8.69 -7.91 -4.53
C ASP A 189 -8.99 -8.24 -6.00
N TYR A 190 -8.40 -9.32 -6.52
CA TYR A 190 -8.67 -9.78 -7.88
C TYR A 190 -10.15 -9.62 -8.25
N LEU A 191 -11.06 -10.25 -7.48
CA LEU A 191 -12.44 -10.40 -7.96
C LEU A 191 -13.20 -9.07 -7.85
N GLU A 192 -13.05 -8.37 -6.73
CA GLU A 192 -13.79 -7.12 -6.65
C GLU A 192 -13.28 -6.13 -7.70
N ASP A 193 -11.98 -6.13 -7.98
CA ASP A 193 -11.45 -5.31 -9.07
C ASP A 193 -12.09 -5.71 -10.40
N GLN A 194 -12.10 -7.01 -10.72
CA GLN A 194 -12.78 -7.51 -11.90
C GLN A 194 -14.17 -6.90 -12.01
N GLN A 195 -14.95 -7.02 -10.93
CA GLN A 195 -16.32 -6.56 -10.95
C GLN A 195 -16.40 -5.05 -11.07
N GLY A 196 -15.37 -4.35 -10.61
CA GLY A 196 -15.34 -2.89 -10.75
C GLY A 196 -14.79 -2.45 -12.10
N GLY A 197 -14.43 -3.42 -12.96
CA GLY A 197 -13.89 -3.09 -14.26
C GLY A 197 -12.43 -2.67 -14.24
N ARG A 198 -11.67 -3.09 -13.22
CA ARG A 198 -10.26 -2.71 -13.11
C ARG A 198 -9.40 -3.97 -13.27
N GLU A 199 -8.22 -3.80 -13.89
CA GLU A 199 -7.28 -4.88 -14.04
C GLU A 199 -5.90 -4.42 -13.57
N PHE A 200 -5.36 -5.08 -12.55
CA PHE A 200 -4.05 -4.68 -12.05
C PHE A 200 -3.04 -5.83 -12.11
N TRP A 201 -3.53 -7.08 -12.22
CA TRP A 201 -2.62 -8.21 -12.33
C TRP A 201 -1.82 -8.02 -13.62
N PRO A 202 -0.49 -8.21 -13.62
CA PRO A 202 0.29 -7.97 -14.83
C PRO A 202 0.02 -8.97 -15.97
N GLN A 203 -0.16 -8.38 -17.15
CA GLN A 203 -0.60 -9.08 -18.34
C GLN A 203 0.42 -10.13 -18.72
N GLU A 204 1.73 -9.87 -18.50
CA GLU A 204 2.76 -10.84 -18.86
C GLU A 204 2.73 -12.13 -18.02
N VAL A 205 2.31 -12.03 -16.75
CA VAL A 205 2.09 -13.23 -15.96
C VAL A 205 0.75 -13.88 -16.33
N TRP A 206 -0.39 -13.16 -16.32
CA TRP A 206 -1.67 -13.86 -16.48
C TRP A 206 -1.81 -14.45 -17.88
N SER A 207 -1.24 -13.77 -18.88
CA SER A 207 -1.43 -14.23 -20.26
C SER A 207 -0.73 -15.56 -20.48
N ARG A 208 0.14 -15.98 -19.54
CA ARG A 208 0.73 -17.30 -19.68
C ARG A 208 -0.23 -18.41 -19.22
N TYR A 209 -1.39 -18.04 -18.67
CA TYR A 209 -2.31 -19.04 -18.13
C TYR A 209 -3.62 -19.00 -18.90
N VAL A 210 -4.11 -17.78 -19.19
CA VAL A 210 -5.39 -17.64 -19.85
C VAL A 210 -5.33 -16.51 -20.85
N LYS A 211 -6.42 -16.40 -21.65
CA LYS A 211 -6.53 -15.49 -22.77
C LYS A 211 -6.95 -14.10 -22.30
N LYS A 212 -7.84 -14.03 -21.30
CA LYS A 212 -8.26 -12.76 -20.76
C LYS A 212 -8.22 -12.87 -19.24
N LEU A 213 -7.92 -11.76 -18.53
CA LEU A 213 -7.76 -11.82 -17.08
C LEU A 213 -9.06 -12.23 -16.40
N GLY A 214 -10.20 -11.74 -16.91
CA GLY A 214 -11.50 -12.16 -16.44
C GLY A 214 -11.75 -13.68 -16.51
N ASP A 215 -10.98 -14.44 -17.30
CA ASP A 215 -11.20 -15.89 -17.42
C ASP A 215 -10.95 -16.65 -16.12
N PHE A 216 -10.13 -16.08 -15.19
CA PHE A 216 -9.88 -16.70 -13.89
C PHE A 216 -11.14 -16.79 -13.03
N ALA A 217 -12.21 -16.04 -13.40
CA ALA A 217 -13.43 -16.12 -12.59
C ALA A 217 -14.28 -17.30 -13.07
N LYS A 218 -13.96 -17.89 -14.23
CA LYS A 218 -14.74 -19.01 -14.74
C LYS A 218 -14.29 -20.33 -14.10
N PRO A 219 -15.25 -21.20 -13.75
CA PRO A 219 -14.94 -22.39 -12.97
C PRO A 219 -13.89 -23.30 -13.61
N GLU A 220 -13.98 -23.45 -14.95
CA GLU A 220 -13.12 -24.39 -15.67
C GLU A 220 -11.65 -23.94 -15.59
N ASN A 221 -11.37 -22.67 -15.20
CA ASN A 221 -9.98 -22.23 -15.23
C ASN A 221 -9.38 -22.13 -13.82
N ILE A 222 -10.07 -22.66 -12.79
CA ILE A 222 -9.68 -22.44 -11.39
C ILE A 222 -8.26 -22.94 -11.12
N ASP A 223 -7.85 -24.06 -11.73
CA ASP A 223 -6.50 -24.54 -11.48
C ASP A 223 -5.49 -23.52 -12.02
N LEU A 224 -5.76 -22.98 -13.21
CA LEU A 224 -4.83 -22.05 -13.84
C LEU A 224 -4.78 -20.75 -13.04
N ALA A 225 -5.95 -20.38 -12.50
CA ALA A 225 -6.06 -19.17 -11.69
C ALA A 225 -5.17 -19.28 -10.44
N VAL A 226 -5.24 -20.43 -9.75
CA VAL A 226 -4.49 -20.64 -8.52
C VAL A 226 -2.98 -20.67 -8.79
N GLN A 227 -2.58 -21.24 -9.95
CA GLN A 227 -1.17 -21.23 -10.31
C GLN A 227 -0.66 -19.79 -10.49
N CYS A 228 -1.43 -18.96 -11.20
CA CYS A 228 -1.05 -17.57 -11.40
C CYS A 228 -1.01 -16.84 -10.04
N LEU A 229 -2.02 -17.10 -9.19
CA LEU A 229 -2.05 -16.55 -7.84
C LEU A 229 -0.74 -16.86 -7.11
N ASN A 230 -0.38 -18.15 -7.10
CA ASN A 230 0.81 -18.60 -6.40
C ASN A 230 2.06 -17.92 -6.98
N GLU A 231 2.05 -17.68 -8.28
CA GLU A 231 3.19 -17.06 -8.93
C GLU A 231 3.30 -15.59 -8.48
N LEU A 232 2.16 -14.90 -8.41
CA LEU A 232 2.20 -13.50 -8.04
C LEU A 232 2.53 -13.37 -6.55
N ILE A 233 2.01 -14.29 -5.73
CA ILE A 233 2.34 -14.28 -4.31
C ILE A 233 3.87 -14.45 -4.16
N THR A 234 4.46 -15.32 -5.00
CA THR A 234 5.90 -15.61 -4.92
C THR A 234 6.68 -14.33 -5.22
N ASN A 235 6.20 -13.61 -6.23
CA ASN A 235 6.71 -12.28 -6.58
C ASN A 235 6.72 -11.36 -5.36
N ALA A 236 5.56 -11.16 -4.71
CA ALA A 236 5.44 -10.27 -3.56
C ALA A 236 6.41 -10.65 -2.43
N LEU A 237 6.62 -11.97 -2.21
CA LEU A 237 7.46 -12.41 -1.09
C LEU A 237 8.90 -11.89 -1.26
N HIS A 238 9.29 -11.56 -2.51
CA HIS A 238 10.64 -11.06 -2.76
C HIS A 238 10.95 -9.76 -2.00
N HIS A 239 9.92 -9.04 -1.53
CA HIS A 239 10.11 -7.75 -0.86
C HIS A 239 10.39 -7.93 0.63
N ILE A 240 10.19 -9.15 1.13
CA ILE A 240 10.23 -9.34 2.58
C ILE A 240 11.64 -9.10 3.14
N PRO A 241 12.75 -9.53 2.50
CA PRO A 241 14.08 -9.20 3.06
C PRO A 241 14.24 -7.68 3.29
N ASP A 242 13.83 -6.87 2.30
CA ASP A 242 13.88 -5.41 2.46
C ASP A 242 12.99 -4.92 3.60
N VAL A 243 11.79 -5.53 3.72
CA VAL A 243 10.88 -5.16 4.78
C VAL A 243 11.54 -5.43 6.14
N ILE A 244 12.17 -6.60 6.27
CA ILE A 244 12.88 -6.91 7.51
C ILE A 244 14.00 -5.89 7.75
N THR A 245 14.79 -5.63 6.72
CA THR A 245 15.86 -4.64 6.86
C THR A 245 15.28 -3.29 7.29
N TYR A 246 14.24 -2.83 6.56
CA TYR A 246 13.61 -1.56 6.91
C TYR A 246 13.21 -1.52 8.39
N LEU A 247 12.47 -2.54 8.85
CA LEU A 247 11.89 -2.51 10.18
C LEU A 247 13.00 -2.58 11.25
N SER A 248 14.08 -3.26 10.93
CA SER A 248 15.18 -3.55 11.86
C SER A 248 15.93 -2.26 12.21
N ARG A 249 15.78 -1.22 11.37
CA ARG A 249 16.49 0.02 11.57
C ARG A 249 15.71 1.02 12.42
N LEU A 250 14.42 0.74 12.72
CA LEU A 250 13.59 1.75 13.39
C LEU A 250 13.85 1.72 14.89
N ARG A 251 14.09 2.90 15.47
CA ARG A 251 14.47 3.02 16.88
C ARG A 251 13.31 3.62 17.66
N ASN A 252 12.34 4.27 16.99
CA ASN A 252 11.24 4.88 17.73
C ASN A 252 10.09 3.89 17.83
N GLN A 253 9.60 3.63 19.05
CA GLN A 253 8.53 2.64 19.23
C GLN A 253 7.28 3.01 18.42
N SER A 254 6.83 4.25 18.41
CA SER A 254 5.53 4.53 17.77
C SER A 254 5.62 4.39 16.23
N VAL A 255 6.79 4.72 15.67
CA VAL A 255 7.09 4.53 14.26
C VAL A 255 7.15 3.03 13.93
N PHE A 256 7.92 2.26 14.73
CA PHE A 256 7.95 0.80 14.59
C PHE A 256 6.54 0.22 14.46
N ASN A 257 5.66 0.54 15.42
CA ASN A 257 4.34 -0.06 15.42
C ASN A 257 3.58 0.38 14.15
N PHE A 258 3.64 1.71 13.87
CA PHE A 258 3.05 2.24 12.66
C PHE A 258 3.48 1.45 11.43
N CYS A 259 4.79 1.21 11.28
CA CYS A 259 5.29 0.56 10.08
C CYS A 259 5.06 -0.96 10.10
N ALA A 260 5.20 -1.55 11.29
CA ALA A 260 5.16 -3.01 11.37
C ALA A 260 3.75 -3.58 11.21
N ILE A 261 2.72 -2.89 11.72
CA ILE A 261 1.40 -3.50 11.77
C ILE A 261 0.90 -3.84 10.36
N PRO A 262 0.97 -2.92 9.37
CA PRO A 262 0.48 -3.29 8.03
C PRO A 262 1.29 -4.44 7.44
N GLN A 263 2.61 -4.50 7.72
CA GLN A 263 3.43 -5.52 7.07
C GLN A 263 3.02 -6.92 7.57
N VAL A 264 2.68 -7.07 8.85
CA VAL A 264 2.40 -8.40 9.37
C VAL A 264 0.98 -8.77 8.94
N MET A 265 0.10 -7.77 8.75
CA MET A 265 -1.23 -8.04 8.23
C MET A 265 -1.09 -8.55 6.79
N ALA A 266 -0.19 -7.92 6.00
CA ALA A 266 0.01 -8.40 4.63
C ALA A 266 0.59 -9.82 4.61
N ILE A 267 1.57 -10.09 5.48
CA ILE A 267 2.11 -11.44 5.60
C ILE A 267 0.97 -12.43 5.83
N ALA A 268 0.11 -12.17 6.81
CA ALA A 268 -0.96 -13.10 7.14
C ALA A 268 -1.93 -13.22 5.96
N THR A 269 -2.13 -12.11 5.21
CA THR A 269 -3.04 -12.10 4.05
C THR A 269 -2.51 -12.99 2.92
N LEU A 270 -1.21 -12.87 2.59
CA LEU A 270 -0.58 -13.69 1.57
C LEU A 270 -0.70 -15.17 1.95
N ALA A 271 -0.55 -15.47 3.24
CA ALA A 271 -0.59 -16.86 3.70
C ALA A 271 -2.01 -17.38 3.58
N ALA A 272 -3.02 -16.54 3.88
CA ALA A 272 -4.42 -16.96 3.69
C ALA A 272 -4.74 -17.16 2.20
N CYS A 273 -4.13 -16.35 1.33
CA CYS A 273 -4.45 -16.40 -0.09
C CYS A 273 -3.66 -17.50 -0.81
N TYR A 274 -2.53 -17.97 -0.23
CA TYR A 274 -1.67 -18.89 -0.95
C TYR A 274 -2.44 -20.20 -1.27
N ASN A 275 -2.43 -20.58 -2.56
CA ASN A 275 -3.07 -21.79 -3.07
C ASN A 275 -4.57 -21.84 -2.71
N ASN A 276 -5.21 -20.67 -2.61
CA ASN A 276 -6.58 -20.56 -2.11
C ASN A 276 -7.53 -20.23 -3.27
N GLN A 277 -8.33 -21.22 -3.70
CA GLN A 277 -9.38 -20.96 -4.69
C GLN A 277 -10.32 -19.82 -4.32
N GLN A 278 -10.54 -19.54 -3.03
CA GLN A 278 -11.55 -18.55 -2.65
C GLN A 278 -11.23 -17.16 -3.19
N VAL A 279 -9.93 -16.88 -3.45
CA VAL A 279 -9.54 -15.59 -4.03
C VAL A 279 -10.38 -15.32 -5.27
N PHE A 280 -10.71 -16.44 -5.97
CA PHE A 280 -11.40 -16.28 -7.24
C PHE A 280 -12.92 -16.27 -7.07
N LYS A 281 -13.42 -16.44 -5.84
CA LYS A 281 -14.86 -16.48 -5.62
C LYS A 281 -15.32 -15.36 -4.69
N GLY A 282 -14.39 -14.69 -4.02
CA GLY A 282 -14.83 -13.70 -3.06
C GLY A 282 -13.65 -13.00 -2.45
N ALA A 283 -13.90 -12.32 -1.33
CA ALA A 283 -12.88 -11.53 -0.69
C ALA A 283 -12.35 -12.32 0.51
N VAL A 284 -11.11 -12.77 0.40
CA VAL A 284 -10.46 -13.51 1.46
C VAL A 284 -9.92 -12.47 2.44
N LYS A 285 -10.28 -12.60 3.72
CA LYS A 285 -9.92 -11.59 4.71
C LYS A 285 -9.42 -12.28 5.98
N ILE A 286 -8.56 -11.60 6.71
CA ILE A 286 -8.06 -11.98 8.03
C ILE A 286 -9.24 -11.80 8.99
N ARG A 287 -9.51 -12.81 9.83
CA ARG A 287 -10.45 -12.73 10.94
C ARG A 287 -10.08 -11.53 11.83
N LYS A 288 -11.10 -10.81 12.30
CA LYS A 288 -10.84 -9.65 13.16
C LYS A 288 -9.95 -10.06 14.34
N GLY A 289 -10.26 -11.16 15.04
CA GLY A 289 -9.48 -11.54 16.21
C GLY A 289 -8.00 -11.85 15.88
N GLN A 290 -7.79 -12.42 14.68
CA GLN A 290 -6.46 -12.67 14.15
C GLN A 290 -5.73 -11.33 13.97
N ALA A 291 -6.40 -10.36 13.34
CA ALA A 291 -5.83 -9.04 13.04
C ALA A 291 -5.43 -8.30 14.32
N VAL A 292 -6.29 -8.36 15.34
CA VAL A 292 -6.04 -7.66 16.59
C VAL A 292 -4.81 -8.22 17.28
N THR A 293 -4.67 -9.56 17.28
CA THR A 293 -3.53 -10.15 17.97
C THR A 293 -2.25 -9.76 17.23
N LEU A 294 -2.32 -9.75 15.89
CA LEU A 294 -1.14 -9.39 15.09
C LEU A 294 -0.71 -7.96 15.41
N MET A 295 -1.70 -7.08 15.52
CA MET A 295 -1.47 -5.67 15.81
C MET A 295 -0.86 -5.49 17.20
N MET A 296 -1.36 -6.27 18.17
CA MET A 296 -0.84 -6.17 19.52
C MET A 296 0.56 -6.74 19.62
N ASP A 297 0.88 -7.76 18.82
CA ASP A 297 2.12 -8.49 18.97
C ASP A 297 3.28 -7.79 18.23
N ALA A 298 2.95 -6.97 17.20
CA ALA A 298 3.98 -6.50 16.28
C ALA A 298 4.70 -5.25 16.80
N THR A 299 5.50 -5.44 17.86
CA THR A 299 6.04 -4.29 18.56
C THR A 299 7.56 -4.38 18.73
N ASN A 300 8.20 -5.47 18.31
CA ASN A 300 9.65 -5.53 18.31
C ASN A 300 10.09 -6.45 17.20
N MET A 301 11.38 -6.38 16.83
CA MET A 301 11.89 -7.19 15.73
C MET A 301 11.76 -8.68 15.98
N PRO A 302 12.19 -9.21 17.16
CA PRO A 302 12.10 -10.66 17.35
C PRO A 302 10.66 -11.16 17.14
N ALA A 303 9.64 -10.40 17.58
CA ALA A 303 8.25 -10.83 17.42
C ALA A 303 7.82 -10.78 15.94
N VAL A 304 8.22 -9.73 15.24
CA VAL A 304 7.82 -9.59 13.85
C VAL A 304 8.53 -10.64 13.02
N LYS A 305 9.83 -10.87 13.29
CA LYS A 305 10.50 -11.97 12.61
C LYS A 305 9.82 -13.31 12.87
N ALA A 306 9.50 -13.62 14.12
CA ALA A 306 8.78 -14.85 14.48
C ALA A 306 7.49 -15.01 13.67
N ILE A 307 6.74 -13.90 13.52
CA ILE A 307 5.47 -13.92 12.82
C ILE A 307 5.72 -14.21 11.34
N ILE A 308 6.68 -13.53 10.73
CA ILE A 308 7.04 -13.75 9.34
C ILE A 308 7.40 -15.23 9.14
N TYR A 309 8.29 -15.75 9.99
CA TYR A 309 8.80 -17.10 9.83
C TYR A 309 7.66 -18.11 9.92
N GLN A 310 6.77 -17.95 10.91
CA GLN A 310 5.65 -18.88 11.09
C GLN A 310 4.74 -18.91 9.86
N TYR A 311 4.43 -17.74 9.30
CA TYR A 311 3.52 -17.73 8.16
C TYR A 311 4.22 -18.27 6.91
N MET A 312 5.52 -17.92 6.74
CA MET A 312 6.25 -18.47 5.61
C MET A 312 6.37 -19.99 5.70
N GLU A 313 6.63 -20.55 6.89
CA GLU A 313 6.68 -21.99 7.09
C GLU A 313 5.34 -22.65 6.71
N GLU A 314 4.25 -21.99 7.09
CA GLU A 314 2.93 -22.40 6.68
C GLU A 314 2.81 -22.49 5.16
N ILE A 315 3.16 -21.41 4.46
CA ILE A 315 3.09 -21.44 3.01
C ILE A 315 3.97 -22.59 2.49
N TYR A 316 5.18 -22.66 3.04
CA TYR A 316 6.16 -23.62 2.58
C TYR A 316 5.59 -25.05 2.60
N HIS A 317 4.91 -25.42 3.69
CA HIS A 317 4.41 -26.79 3.78
C HIS A 317 3.19 -27.00 2.88
N ARG A 318 2.64 -25.92 2.32
CA ARG A 318 1.42 -26.02 1.51
C ARG A 318 1.74 -25.97 0.01
N ILE A 319 3.01 -25.79 -0.36
CA ILE A 319 3.38 -25.63 -1.75
C ILE A 319 3.10 -26.94 -2.48
N PRO A 320 2.26 -26.95 -3.53
CA PRO A 320 2.02 -28.18 -4.30
C PRO A 320 3.25 -28.46 -5.16
N ASP A 321 3.69 -29.72 -5.14
CA ASP A 321 4.80 -30.21 -5.96
C ASP A 321 4.71 -29.82 -7.42
N SER A 322 3.52 -29.86 -8.02
CA SER A 322 3.43 -29.54 -9.43
C SER A 322 3.13 -28.05 -9.63
N ASP A 323 3.04 -27.27 -8.53
CA ASP A 323 2.85 -25.85 -8.76
C ASP A 323 3.96 -25.34 -9.67
N PRO A 324 3.70 -24.61 -10.77
CA PRO A 324 4.79 -24.16 -11.64
C PRO A 324 5.83 -23.27 -10.97
N SER A 325 5.51 -22.59 -9.85
CA SER A 325 6.49 -21.69 -9.25
C SER A 325 7.16 -22.34 -8.04
N SER A 326 6.91 -23.66 -7.81
CA SER A 326 7.20 -24.21 -6.50
C SER A 326 8.66 -24.02 -6.10
N SER A 327 9.60 -24.22 -7.02
CA SER A 327 10.96 -24.05 -6.53
C SER A 327 11.29 -22.56 -6.28
N LYS A 328 10.69 -21.63 -7.04
CA LYS A 328 10.91 -20.21 -6.75
C LYS A 328 10.35 -19.85 -5.38
N THR A 329 9.18 -20.44 -5.05
CA THR A 329 8.54 -20.17 -3.77
C THR A 329 9.42 -20.68 -2.64
N ARG A 330 9.96 -21.89 -2.81
CA ARG A 330 10.80 -22.48 -1.77
C ARG A 330 12.05 -21.62 -1.61
N GLN A 331 12.65 -21.18 -2.71
CA GLN A 331 13.91 -20.46 -2.61
C GLN A 331 13.76 -19.11 -1.88
N ILE A 332 12.71 -18.33 -2.18
CA ILE A 332 12.58 -17.04 -1.49
C ILE A 332 12.27 -17.29 -0.03
N ILE A 333 11.48 -18.35 0.27
CA ILE A 333 11.22 -18.62 1.68
C ILE A 333 12.54 -18.98 2.38
N SER A 334 13.40 -19.81 1.76
CA SER A 334 14.69 -20.12 2.38
C SER A 334 15.54 -18.86 2.57
N THR A 335 15.60 -17.99 1.55
CA THR A 335 16.36 -16.75 1.71
C THR A 335 15.85 -15.98 2.92
N ILE A 336 14.53 -15.78 3.00
CA ILE A 336 13.99 -15.03 4.12
C ILE A 336 14.45 -15.67 5.44
N ARG A 337 14.34 -17.01 5.53
CA ARG A 337 14.52 -17.67 6.81
C ARG A 337 15.96 -17.54 7.31
N THR A 338 16.92 -17.42 6.37
CA THR A 338 18.33 -17.47 6.73
C THR A 338 18.97 -16.09 6.78
N GLN A 339 18.18 -15.03 6.99
CA GLN A 339 18.74 -13.69 7.03
C GLN A 339 18.92 -13.25 8.48
N ASN A 340 17.84 -13.34 9.26
CA ASN A 340 17.85 -12.97 10.68
C ASN A 340 17.65 -14.23 11.53
#